data_3BUC
#
_entry.id   3BUC
#
_cell.length_a   77.910
_cell.length_b   77.910
_cell.length_c   226.558
_cell.angle_alpha   90.00
_cell.angle_beta   90.00
_cell.angle_gamma   120.00
#
_symmetry.space_group_name_H-M   'P 65 2 2'
#
loop_
_entity.id
_entity.type
_entity.pdbx_description
1 polymer "DNA (5'-D(*DCP*DTP*DGP*DTP*DAP*DTP*(MA7)P*DAP*DCP*DTP*DGP*DCP*DG)-3')"
2 polymer "DNA (5'-D(*DTP*DCP*DGP*DCP*DAP*DGP*DTP*DTP*DAP*DTP*DAP*DCP*DA)-3')"
3 polymer 'Alpha-ketoglutarate-dependent dioxygenase alkB homolog 2'
4 non-polymer propane-1-thiol
5 non-polymer 'MANGANESE (II) ION'
6 non-polymer '2-OXOGLUTARIC ACID'
7 water water
#
loop_
_entity_poly.entity_id
_entity_poly.type
_entity_poly.pdbx_seq_one_letter_code
_entity_poly.pdbx_strand_id
1 'polydeoxyribonucleotide' (DC)(DT)(DG)(DT)(DA)(DT)(MA7)(DA)(DC)(DT)(DG)(DC)(DG) B
2 'polydeoxyribonucleotide' (DT)(DC)(DG)(DC)(DA)(DG)(DT)(DT)(DA)(DT)(DA)(DC)(DA) C
3 'polypeptide(L)'
;SWRHIRAEGLDSSYTVLFGKAEADEIFQELEKEVEYFTGALARVQVFGKWHSVPRKQATYGDAGLTYTFSGLTLSPKPWI
PVLERIRDHVSGVTGQTFNFVLINRYKDGSDHICEHRDDERELAPGSPIASVSFGASRDFVFRHKDSRGKSPSRRVAVVR
LPLAHGSLLMMNHPTNTHWYHSLPVRKKVLAPRVNLTFRKILL
;
A
#
# COMPACT_ATOMS: atom_id res chain seq x y z
N SER C 1 -5.12 3.10 20.61
CA SER C 1 -4.31 4.32 20.31
C SER C 1 -3.92 4.42 18.84
N TRP C 2 -4.19 5.58 18.26
CA TRP C 2 -3.82 5.89 16.90
C TRP C 2 -2.79 7.01 16.89
N ARG C 3 -1.67 6.81 16.22
CA ARG C 3 -0.80 7.94 15.94
C ARG C 3 -1.43 8.70 14.79
N HIS C 4 -2.06 9.83 15.11
CA HIS C 4 -2.70 10.66 14.09
C HIS C 4 -1.66 11.51 13.39
N ILE C 5 -1.20 11.03 12.23
CA ILE C 5 -0.27 11.79 11.41
C ILE C 5 -1.01 12.94 10.75
N ARG C 6 -0.62 14.17 11.08
CA ARG C 6 -1.27 15.32 10.48
C ARG C 6 -0.35 16.48 10.13
N ALA C 7 -0.70 17.13 9.02
CA ALA C 7 -0.08 18.35 8.53
C ALA C 7 -1.02 18.96 7.50
N GLU C 8 -0.59 20.05 6.89
CA GLU C 8 -1.35 20.76 5.87
C GLU C 8 -1.77 19.80 4.75
N GLY C 9 -3.06 19.44 4.74
CA GLY C 9 -3.60 18.55 3.73
C GLY C 9 -3.17 17.10 3.86
N LEU C 10 -2.56 16.76 5.00
CA LEU C 10 -2.14 15.39 5.28
C LEU C 10 -2.96 14.85 6.43
N ASP C 11 -3.72 13.79 6.17
CA ASP C 11 -4.54 13.16 7.18
C ASP C 11 -4.39 11.65 7.18
N SER C 12 -3.63 11.14 8.14
CA SER C 12 -3.43 9.70 8.25
C SER C 12 -3.35 9.25 9.70
N SER C 13 -3.49 7.94 9.90
CA SER C 13 -3.45 7.35 11.23
C SER C 13 -2.79 5.96 11.21
N TYR C 14 -2.04 5.67 12.26
CA TYR C 14 -1.23 4.47 12.34
C TYR C 14 -1.50 3.73 13.65
N THR C 15 -1.77 2.43 13.55
CA THR C 15 -1.94 1.58 14.73
C THR C 15 -1.42 0.18 14.51
N VAL C 16 -1.27 -0.57 15.61
CA VAL C 16 -0.83 -1.96 15.51
C VAL C 16 -2.00 -2.91 15.77
N LEU C 17 -2.41 -3.65 14.74
CA LEU C 17 -3.56 -4.54 14.83
C LEU C 17 -3.20 -5.84 15.50
N PHE C 18 -2.04 -6.39 15.16
CA PHE C 18 -1.68 -7.72 15.60
C PHE C 18 -0.39 -7.76 16.37
N GLY C 19 -0.39 -8.52 17.45
CA GLY C 19 0.83 -8.84 18.17
C GLY C 19 1.70 -9.76 17.33
N LYS C 20 2.92 -10.02 17.82
CA LYS C 20 3.93 -10.75 17.04
C LYS C 20 3.48 -12.12 16.53
N ALA C 21 2.98 -12.96 17.44
CA ALA C 21 2.63 -14.33 17.13
C ALA C 21 1.58 -14.45 16.02
N GLU C 22 0.53 -13.63 16.10
CA GLU C 22 -0.51 -13.61 15.07
C GLU C 22 0.02 -13.04 13.77
N ALA C 23 0.71 -11.91 13.86
CA ALA C 23 1.29 -11.27 12.68
C ALA C 23 2.23 -12.20 11.92
N ASP C 24 3.03 -12.98 12.66
CA ASP C 24 3.94 -13.98 12.08
C ASP C 24 3.19 -15.03 11.25
N GLU C 25 2.16 -15.61 11.86
CA GLU C 25 1.32 -16.63 11.25
C GLU C 25 0.59 -16.12 10.00
N ILE C 26 0.09 -14.89 10.06
CA ILE C 26 -0.54 -14.24 8.90
C ILE C 26 0.46 -14.03 7.77
N PHE C 27 1.64 -13.51 8.11
CA PHE C 27 2.72 -13.36 7.16
C PHE C 27 3.07 -14.68 6.47
N GLN C 28 3.26 -15.74 7.26
CA GLN C 28 3.60 -17.06 6.76
C GLN C 28 2.54 -17.60 5.82
N GLU C 29 1.29 -17.28 6.13
CA GLU C 29 0.16 -17.62 5.28
C GLU C 29 0.25 -16.86 3.97
N LEU C 30 0.41 -15.54 4.07
CA LEU C 30 0.56 -14.68 2.90
C LEU C 30 1.68 -15.17 1.97
N GLU C 31 2.83 -15.50 2.56
CA GLU C 31 3.95 -16.05 1.79
C GLU C 31 3.57 -17.37 1.13
N LYS C 32 2.81 -18.18 1.85
CA LYS C 32 2.42 -19.50 1.37
C LYS C 32 1.37 -19.43 0.24
N GLU C 33 0.48 -18.45 0.31
CA GLU C 33 -0.74 -18.46 -0.50
C GLU C 33 -0.80 -17.45 -1.65
N VAL C 34 -0.19 -16.28 -1.48
CA VAL C 34 -0.34 -15.18 -2.44
C VAL C 34 0.32 -15.44 -3.80
N GLU C 35 -0.39 -15.13 -4.88
CA GLU C 35 0.14 -15.27 -6.25
C GLU C 35 0.39 -13.94 -6.96
N TYR C 36 1.66 -13.68 -7.29
CA TYR C 36 2.07 -12.41 -7.91
C TYR C 36 2.17 -12.48 -9.43
N PHE C 37 1.83 -11.37 -10.07
CA PHE C 37 1.95 -11.19 -11.51
C PHE C 37 3.40 -11.26 -11.96
N THR C 38 3.60 -11.67 -13.21
CA THR C 38 4.92 -11.72 -13.83
C THR C 38 4.89 -11.11 -15.24
N GLY C 39 6.06 -10.99 -15.86
CA GLY C 39 6.17 -10.55 -17.25
C GLY C 39 5.40 -9.30 -17.60
N ALA C 40 4.51 -9.41 -18.58
CA ALA C 40 3.67 -8.31 -19.08
C ALA C 40 2.89 -7.55 -18.00
N LEU C 41 2.45 -8.26 -16.98
CA LEU C 41 1.63 -7.64 -15.94
C LEU C 41 2.45 -7.16 -14.74
N ALA C 42 3.75 -7.02 -14.95
CA ALA C 42 4.66 -6.53 -13.91
C ALA C 42 5.56 -5.43 -14.45
N ARG C 43 5.12 -4.79 -15.53
CA ARG C 43 5.87 -3.71 -16.18
C ARG C 43 5.02 -2.43 -16.26
N VAL C 44 5.61 -1.32 -15.88
CA VAL C 44 4.91 -0.02 -15.91
C VAL C 44 5.59 0.94 -16.87
N GLN C 45 4.85 1.97 -17.29
CA GLN C 45 5.39 3.04 -18.13
C GLN C 45 5.53 4.34 -17.35
N VAL C 46 6.76 4.82 -17.24
CA VAL C 46 7.04 6.07 -16.53
C VAL C 46 8.10 6.88 -17.29
N PHE C 47 7.84 8.17 -17.47
CA PHE C 47 8.74 9.07 -18.18
C PHE C 47 9.13 8.51 -19.55
N GLY C 48 8.14 7.96 -20.25
CA GLY C 48 8.32 7.49 -21.62
C GLY C 48 8.97 6.12 -21.76
N LYS C 49 9.26 5.47 -20.63
CA LYS C 49 9.97 4.20 -20.62
C LYS C 49 9.21 3.12 -19.85
N TRP C 50 9.35 1.88 -20.29
CA TRP C 50 8.80 0.71 -19.60
C TRP C 50 9.83 0.07 -18.71
N HIS C 51 9.42 -0.33 -17.50
CA HIS C 51 10.33 -0.97 -16.55
C HIS C 51 9.63 -2.12 -15.86
N SER C 52 10.40 -3.14 -15.48
CA SER C 52 9.89 -4.13 -14.53
C SER C 52 9.88 -3.45 -13.17
N VAL C 53 8.80 -3.67 -12.43
CA VAL C 53 8.65 -3.05 -11.12
C VAL C 53 9.68 -3.60 -10.13
N PRO C 54 10.30 -2.74 -9.31
CA PRO C 54 11.33 -3.24 -8.41
C PRO C 54 10.75 -3.82 -7.11
N ARG C 55 9.86 -4.81 -7.27
CA ARG C 55 9.14 -5.48 -6.19
C ARG C 55 8.23 -6.51 -6.86
N LYS C 56 7.30 -7.10 -6.11
CA LYS C 56 6.27 -7.92 -6.70
C LYS C 56 4.88 -7.38 -6.38
N GLN C 57 3.94 -7.54 -7.32
CA GLN C 57 2.57 -7.01 -7.16
C GLN C 57 1.48 -8.05 -7.43
N ALA C 58 0.41 -7.99 -6.65
CA ALA C 58 -0.75 -8.84 -6.87
C ALA C 58 -2.02 -8.05 -6.59
N THR C 59 -3.12 -8.45 -7.22
CA THR C 59 -4.43 -7.82 -6.96
C THR C 59 -5.56 -8.84 -6.74
N TYR C 60 -6.27 -8.67 -5.62
CA TYR C 60 -7.42 -9.49 -5.29
C TYR C 60 -8.60 -8.56 -5.01
N GLY C 61 -9.81 -9.02 -5.35
CA GLY C 61 -11.02 -8.21 -5.20
C GLY C 61 -12.22 -8.74 -5.94
N ASP C 62 -13.37 -8.08 -5.76
CA ASP C 62 -14.63 -8.50 -6.38
C ASP C 62 -14.53 -8.49 -7.90
N ALA C 63 -14.98 -9.58 -8.53
CA ALA C 63 -14.92 -9.77 -9.98
C ALA C 63 -15.49 -8.59 -10.76
N GLY C 64 -14.87 -8.29 -11.90
CA GLY C 64 -15.33 -7.22 -12.77
C GLY C 64 -14.57 -5.92 -12.58
N LEU C 65 -13.95 -5.74 -11.42
CA LEU C 65 -13.17 -4.55 -11.14
C LEU C 65 -11.80 -4.64 -11.83
N THR C 66 -11.19 -3.50 -12.12
CA THR C 66 -9.80 -3.43 -12.57
C THR C 66 -9.16 -2.18 -11.97
N TYR C 67 -7.86 -2.24 -11.71
CA TYR C 67 -7.11 -1.10 -11.23
C TYR C 67 -5.97 -0.77 -12.20
N THR C 68 -5.91 0.48 -12.64
CA THR C 68 -4.91 0.92 -13.60
C THR C 68 -4.02 2.03 -13.02
N PHE C 69 -2.71 1.82 -13.04
CA PHE C 69 -1.77 2.90 -12.75
C PHE C 69 -0.53 2.82 -13.64
N SER C 70 0.01 3.98 -13.99
CA SER C 70 1.27 4.07 -14.74
C SER C 70 1.30 3.20 -15.99
N GLY C 71 0.18 3.15 -16.70
CA GLY C 71 0.09 2.42 -17.97
C GLY C 71 -0.19 0.93 -17.85
N LEU C 72 -0.40 0.46 -16.63
CA LEU C 72 -0.67 -0.96 -16.36
C LEU C 72 -2.07 -1.19 -15.76
N THR C 73 -2.79 -2.18 -16.29
CA THR C 73 -4.11 -2.55 -15.78
C THR C 73 -4.06 -3.91 -15.09
N LEU C 74 -4.62 -3.99 -13.88
CA LEU C 74 -4.58 -5.23 -13.12
C LEU C 74 -5.98 -5.74 -12.77
N SER C 75 -6.25 -7.00 -13.13
CA SER C 75 -7.54 -7.64 -12.84
C SER C 75 -7.46 -8.43 -11.55
N PRO C 76 -8.52 -8.36 -10.73
CA PRO C 76 -8.48 -9.02 -9.43
C PRO C 76 -8.60 -10.53 -9.56
N LYS C 77 -7.83 -11.24 -8.75
CA LYS C 77 -8.03 -12.66 -8.54
C LYS C 77 -9.08 -12.78 -7.45
N PRO C 78 -9.92 -13.83 -7.51
CA PRO C 78 -10.92 -14.04 -6.45
C PRO C 78 -10.30 -14.11 -5.05
N TRP C 79 -10.96 -13.48 -4.08
CA TRP C 79 -10.56 -13.48 -2.68
C TRP C 79 -10.14 -14.84 -2.15
N ILE C 80 -9.21 -14.85 -1.21
CA ILE C 80 -8.81 -16.09 -0.50
C ILE C 80 -8.97 -15.89 1.00
N PRO C 81 -9.23 -16.99 1.76
CA PRO C 81 -9.47 -16.92 3.20
C PRO C 81 -8.63 -15.87 3.95
N VAL C 82 -7.31 -15.92 3.79
CA VAL C 82 -6.40 -15.03 4.53
C VAL C 82 -6.61 -13.54 4.27
N LEU C 83 -6.94 -13.17 3.03
CA LEU C 83 -7.15 -11.75 2.70
C LEU C 83 -8.49 -11.25 3.23
N GLU C 84 -9.52 -12.08 3.17
CA GLU C 84 -10.84 -11.74 3.71
C GLU C 84 -10.75 -11.59 5.22
N ARG C 85 -9.97 -12.47 5.84
CA ARG C 85 -9.71 -12.40 7.27
C ARG C 85 -9.15 -11.02 7.64
N ILE C 86 -8.21 -10.53 6.84
CA ILE C 86 -7.59 -9.22 7.08
C ILE C 86 -8.52 -8.05 6.72
N ARG C 87 -9.18 -8.15 5.57
CA ARG C 87 -10.19 -7.17 5.17
C ARG C 87 -11.26 -7.05 6.26
N ASP C 88 -11.90 -8.17 6.57
CA ASP C 88 -12.98 -8.20 7.56
C ASP C 88 -12.54 -7.59 8.89
N HIS C 89 -11.30 -7.86 9.28
CA HIS C 89 -10.80 -7.30 10.52
C HIS C 89 -10.65 -5.79 10.41
N VAL C 90 -9.89 -5.35 9.40
CA VAL C 90 -9.68 -3.92 9.16
C VAL C 90 -11.01 -3.19 9.12
N SER C 91 -11.97 -3.78 8.41
CA SER C 91 -13.33 -3.24 8.33
C SER C 91 -13.98 -3.10 9.70
N GLY C 92 -13.74 -4.08 10.57
CA GLY C 92 -14.26 -4.04 11.92
C GLY C 92 -13.74 -2.85 12.70
N VAL C 93 -12.42 -2.66 12.65
CA VAL C 93 -11.73 -1.62 13.41
C VAL C 93 -12.00 -0.19 12.89
N THR C 94 -12.38 -0.08 11.63
CA THR C 94 -12.51 1.24 10.97
C THR C 94 -13.92 1.64 10.63
N GLY C 95 -14.84 0.66 10.62
CA GLY C 95 -16.20 0.89 10.15
C GLY C 95 -16.26 1.10 8.65
N GLN C 96 -15.10 1.00 8.00
CA GLN C 96 -14.94 1.21 6.57
C GLN C 96 -15.07 -0.10 5.80
N THR C 97 -15.33 -0.02 4.50
CA THR C 97 -15.56 -1.22 3.71
C THR C 97 -14.72 -1.23 2.43
N PHE C 98 -14.28 -2.41 1.99
CA PHE C 98 -13.32 -2.54 0.89
C PHE C 98 -13.67 -3.66 -0.08
N ASN C 99 -13.37 -3.44 -1.35
CA ASN C 99 -13.68 -4.42 -2.41
C ASN C 99 -12.46 -4.83 -3.24
N PHE C 100 -11.28 -4.40 -2.82
CA PHE C 100 -10.07 -4.57 -3.60
C PHE C 100 -8.84 -4.50 -2.70
N VAL C 101 -7.80 -5.23 -3.08
CA VAL C 101 -6.50 -5.12 -2.41
C VAL C 101 -5.35 -5.25 -3.39
N LEU C 102 -4.44 -4.29 -3.36
CA LEU C 102 -3.19 -4.42 -4.08
C LEU C 102 -2.15 -4.87 -3.08
N ILE C 103 -1.41 -5.92 -3.44
CA ILE C 103 -0.37 -6.44 -2.58
C ILE C 103 1.00 -6.15 -3.17
N ASN C 104 1.87 -5.56 -2.37
CA ASN C 104 3.23 -5.33 -2.76
C ASN C 104 4.18 -6.10 -1.86
N ARG C 105 5.06 -6.90 -2.47
CA ARG C 105 6.07 -7.64 -1.72
C ARG C 105 7.48 -7.21 -2.07
N TYR C 106 8.20 -6.72 -1.07
CA TYR C 106 9.55 -6.22 -1.25
C TYR C 106 10.53 -7.23 -0.68
N LYS C 107 11.19 -8.00 -1.54
CA LYS C 107 11.98 -9.14 -1.07
C LYS C 107 13.04 -8.78 -0.03
N ASP C 108 13.57 -7.55 -0.16
CA ASP C 108 14.52 -6.98 0.79
C ASP C 108 14.58 -5.48 0.58
N GLY C 109 15.44 -4.81 1.35
CA GLY C 109 15.61 -3.36 1.26
C GLY C 109 15.88 -2.76 -0.11
N SER C 110 16.24 -3.58 -1.09
CA SER C 110 16.55 -3.08 -2.43
C SER C 110 15.31 -3.02 -3.31
N ASP C 111 14.26 -3.73 -2.90
CA ASP C 111 12.97 -3.54 -3.51
C ASP C 111 12.33 -2.31 -2.88
N HIS C 112 11.60 -1.55 -3.69
CA HIS C 112 11.06 -0.27 -3.27
C HIS C 112 9.90 0.13 -4.16
N ILE C 113 9.31 1.28 -3.85
CA ILE C 113 8.31 1.89 -4.72
C ILE C 113 8.53 3.39 -4.74
N CYS C 114 8.63 3.93 -5.95
CA CYS C 114 8.95 5.33 -6.17
C CYS C 114 7.85 6.27 -5.76
N GLU C 115 8.26 7.50 -5.49
CA GLU C 115 7.38 8.55 -5.07
C GLU C 115 6.19 8.70 -6.02
N HIS C 116 4.98 8.63 -5.48
CA HIS C 116 3.78 8.79 -6.28
C HIS C 116 2.56 9.22 -5.48
N ARG C 117 1.48 9.49 -6.19
CA ARG C 117 0.18 9.69 -5.57
C ARG C 117 -0.77 8.60 -6.03
N ASP C 118 -1.70 8.23 -5.15
CA ASP C 118 -2.79 7.34 -5.52
C ASP C 118 -3.99 8.17 -5.95
N ASP C 119 -3.87 8.74 -7.15
CA ASP C 119 -4.80 9.72 -7.68
C ASP C 119 -5.77 9.15 -8.73
N GLU C 120 -5.77 7.81 -8.86
CA GLU C 120 -6.49 7.14 -9.95
C GLU C 120 -7.99 7.31 -9.85
N ARG C 121 -8.60 7.48 -11.02
CA ARG C 121 -10.03 7.74 -11.20
C ARG C 121 -10.97 6.71 -10.58
N GLU C 122 -10.60 5.43 -10.68
CA GLU C 122 -11.50 4.35 -10.27
C GLU C 122 -11.66 4.15 -8.75
N LEU C 123 -10.94 4.93 -7.94
CA LEU C 123 -11.16 4.92 -6.49
C LEU C 123 -12.37 5.79 -6.18
N ALA C 124 -13.25 5.29 -5.31
CA ALA C 124 -14.38 6.09 -4.84
C ALA C 124 -13.86 7.36 -4.15
N PRO C 125 -14.48 8.52 -4.45
CA PRO C 125 -14.01 9.77 -3.87
C PRO C 125 -14.28 9.85 -2.37
N GLY C 126 -13.31 10.38 -1.63
CA GLY C 126 -13.42 10.52 -0.18
C GLY C 126 -12.91 9.33 0.60
N SER C 127 -13.26 8.12 0.13
CA SER C 127 -13.01 6.88 0.84
C SER C 127 -11.51 6.59 1.02
N PRO C 128 -11.14 6.08 2.20
CA PRO C 128 -9.74 5.84 2.56
C PRO C 128 -9.06 4.63 1.89
N ILE C 129 -7.74 4.57 2.04
CA ILE C 129 -6.90 3.45 1.68
C ILE C 129 -6.37 2.85 2.99
N ALA C 130 -6.40 1.52 3.08
CA ALA C 130 -5.96 0.82 4.29
C ALA C 130 -4.67 0.06 4.00
N SER C 131 -3.58 0.49 4.61
CA SER C 131 -2.27 -0.09 4.35
C SER C 131 -1.81 -0.95 5.51
N VAL C 132 -1.79 -2.25 5.28
CA VAL C 132 -1.47 -3.22 6.31
C VAL C 132 -0.15 -3.85 5.90
N SER C 133 0.76 -3.99 6.86
CA SER C 133 2.12 -4.42 6.59
C SER C 133 2.55 -5.62 7.43
N PHE C 134 3.31 -6.52 6.80
CA PHE C 134 3.86 -7.69 7.48
C PHE C 134 5.32 -7.93 7.11
N GLY C 135 6.04 -8.61 8.00
CA GLY C 135 7.44 -8.92 7.78
C GLY C 135 8.34 -7.81 8.26
N ALA C 136 9.41 -7.57 7.52
CA ALA C 136 10.38 -6.55 7.86
C ALA C 136 9.74 -5.16 7.96
N SER C 137 10.15 -4.42 8.97
CA SER C 137 9.76 -3.03 9.13
C SER C 137 10.42 -2.24 8.01
N ARG C 138 9.68 -1.34 7.37
CA ARG C 138 10.27 -0.47 6.36
C ARG C 138 9.79 0.97 6.51
N ASP C 139 10.65 1.91 6.13
CA ASP C 139 10.30 3.32 6.20
C ASP C 139 9.34 3.72 5.09
N PHE C 140 8.33 4.47 5.49
CA PHE C 140 7.36 5.05 4.58
C PHE C 140 7.53 6.57 4.63
N VAL C 141 7.60 7.20 3.47
CA VAL C 141 7.90 8.63 3.43
C VAL C 141 6.82 9.44 2.73
N PHE C 142 6.30 10.43 3.44
CA PHE C 142 5.35 11.40 2.92
C PHE C 142 6.07 12.70 2.56
N ARG C 143 5.92 13.14 1.32
CA ARG C 143 6.52 14.38 0.84
C ARG C 143 5.44 15.27 0.23
N HIS C 144 5.42 16.55 0.61
CA HIS C 144 4.43 17.47 0.09
C HIS C 144 4.71 17.82 -1.38
N LYS C 145 3.64 17.96 -2.18
CA LYS C 145 3.79 18.12 -3.63
C LYS C 145 4.57 19.37 -4.06
N ASP C 146 4.35 20.49 -3.37
CA ASP C 146 5.00 21.75 -3.72
C ASP C 146 6.32 21.98 -2.96
N SER C 147 6.86 20.92 -2.37
CA SER C 147 8.12 21.02 -1.64
C SER C 147 9.36 20.81 -2.51
N ARG C 148 9.16 20.16 -3.67
CA ARG C 148 10.25 19.67 -4.51
C ARG C 148 10.60 20.59 -5.67
N PRO C 152 11.71 24.67 -6.30
CA PRO C 152 10.85 24.26 -5.19
C PRO C 152 10.09 25.44 -4.59
N SER C 153 8.76 25.31 -4.56
CA SER C 153 7.88 26.43 -4.20
C SER C 153 7.60 26.57 -2.70
N ARG C 154 7.55 25.45 -1.99
CA ARG C 154 7.12 25.43 -0.59
C ARG C 154 8.01 24.57 0.32
N ARG C 155 8.58 25.22 1.35
CA ARG C 155 9.63 24.62 2.21
C ARG C 155 9.12 23.55 3.20
N VAL C 156 7.89 23.09 3.00
CA VAL C 156 7.25 22.10 3.87
C VAL C 156 8.08 20.83 4.05
N ALA C 157 8.21 20.38 5.30
CA ALA C 157 9.06 19.26 5.65
C ALA C 157 8.45 17.90 5.25
N VAL C 158 9.31 16.88 5.30
CA VAL C 158 8.91 15.52 5.00
C VAL C 158 8.45 14.83 6.29
N VAL C 159 7.53 13.88 6.15
CA VAL C 159 7.08 13.06 7.27
C VAL C 159 7.44 11.62 6.95
N ARG C 160 8.15 10.98 7.87
CA ARG C 160 8.59 9.60 7.69
C ARG C 160 8.35 8.73 8.93
N LEU C 161 7.85 7.52 8.72
CA LEU C 161 7.63 6.62 9.82
C LEU C 161 7.90 5.18 9.42
N PRO C 162 8.36 4.36 10.38
CA PRO C 162 8.49 2.93 10.09
C PRO C 162 7.10 2.34 10.03
N LEU C 163 6.85 1.46 9.07
CA LEU C 163 5.64 0.65 9.11
C LEU C 163 6.01 -0.72 9.65
N ALA C 164 5.49 -1.05 10.82
CA ALA C 164 5.89 -2.25 11.53
C ALA C 164 5.08 -3.46 11.12
N HIS C 165 5.71 -4.62 11.28
CA HIS C 165 5.07 -5.92 11.23
C HIS C 165 3.74 -5.86 11.97
N GLY C 166 2.65 -6.10 11.26
CA GLY C 166 1.32 -6.14 11.86
C GLY C 166 0.65 -4.78 12.05
N SER C 167 1.14 -3.78 11.32
CA SER C 167 0.62 -2.42 11.46
C SER C 167 -0.44 -2.07 10.42
N LEU C 168 -1.22 -1.03 10.74
CA LEU C 168 -2.22 -0.50 9.83
C LEU C 168 -2.05 0.99 9.68
N LEU C 169 -1.81 1.43 8.45
CA LEU C 169 -1.75 2.85 8.15
C LEU C 169 -2.96 3.25 7.31
N MET C 170 -3.81 4.09 7.88
CA MET C 170 -4.97 4.62 7.15
C MET C 170 -4.55 5.85 6.38
N MET C 171 -4.94 5.91 5.11
CA MET C 171 -4.71 7.11 4.32
C MET C 171 -6.01 7.72 3.87
N ASN C 172 -6.36 8.83 4.52
CA ASN C 172 -7.65 9.47 4.33
C ASN C 172 -7.61 10.51 3.24
N HIS C 173 -8.61 11.39 3.23
CA HIS C 173 -8.68 12.51 2.30
C HIS C 173 -8.35 13.80 3.08
N PRO C 174 -7.61 14.75 2.46
CA PRO C 174 -7.12 14.79 1.08
C PRO C 174 -5.68 14.28 0.90
N THR C 175 -5.22 13.43 1.82
CA THR C 175 -3.84 12.93 1.85
C THR C 175 -3.27 12.68 0.44
N ASN C 176 -3.97 11.88 -0.36
CA ASN C 176 -3.53 11.51 -1.71
C ASN C 176 -3.75 12.56 -2.81
N THR C 177 -4.27 13.72 -2.42
CA THR C 177 -4.47 14.82 -3.36
C THR C 177 -3.34 15.86 -3.25
N HIS C 178 -2.65 15.87 -2.11
CA HIS C 178 -1.62 16.88 -1.83
C HIS C 178 -0.23 16.29 -1.56
N TRP C 179 -0.18 15.07 -1.05
CA TRP C 179 1.09 14.47 -0.64
C TRP C 179 1.47 13.24 -1.46
N TYR C 180 2.75 13.15 -1.78
CA TYR C 180 3.31 11.98 -2.43
C TYR C 180 3.86 11.04 -1.37
N HIS C 181 3.86 9.74 -1.66
CA HIS C 181 4.50 8.79 -0.77
C HIS C 181 5.44 7.85 -1.51
N SER C 182 6.31 7.19 -0.75
CA SER C 182 7.26 6.23 -1.30
C SER C 182 7.73 5.26 -0.21
N LEU C 183 8.27 4.12 -0.64
CA LEU C 183 8.99 3.22 0.27
C LEU C 183 10.43 3.17 -0.26
N PRO C 184 11.31 4.01 0.30
CA PRO C 184 12.65 4.13 -0.27
C PRO C 184 13.52 2.89 -0.05
N VAL C 185 14.58 2.78 -0.84
CA VAL C 185 15.57 1.73 -0.69
C VAL C 185 16.19 1.81 0.71
N ARG C 186 16.34 0.64 1.34
CA ARG C 186 16.97 0.56 2.64
C ARG C 186 17.95 -0.62 2.63
N LYS C 187 19.11 -0.40 2.03
CA LYS C 187 20.08 -1.46 1.80
C LYS C 187 20.30 -2.45 2.96
N LYS C 188 20.25 -1.98 4.20
CA LYS C 188 20.54 -2.82 5.36
C LYS C 188 19.42 -3.79 5.72
N VAL C 189 18.23 -3.60 5.13
CA VAL C 189 17.12 -4.51 5.37
C VAL C 189 17.31 -5.76 4.52
N LEU C 190 17.36 -6.92 5.16
CA LEU C 190 17.59 -8.19 4.45
C LEU C 190 16.35 -9.07 4.35
N ALA C 191 15.32 -8.78 5.14
CA ALA C 191 14.13 -9.63 5.19
C ALA C 191 12.99 -9.09 4.29
N PRO C 192 12.12 -10.00 3.80
CA PRO C 192 11.01 -9.55 2.97
C PRO C 192 9.90 -8.84 3.75
N ARG C 193 9.15 -7.98 3.06
CA ARG C 193 7.99 -7.30 3.61
C ARG C 193 6.81 -7.45 2.64
N VAL C 194 5.62 -7.68 3.18
CA VAL C 194 4.40 -7.78 2.37
C VAL C 194 3.44 -6.69 2.80
N ASN C 195 3.00 -5.89 1.84
CA ASN C 195 2.09 -4.82 2.15
C ASN C 195 0.78 -5.00 1.41
N LEU C 196 -0.30 -4.66 2.09
CA LEU C 196 -1.64 -4.78 1.52
C LEU C 196 -2.35 -3.43 1.58
N THR C 197 -2.67 -2.89 0.41
CA THR C 197 -3.45 -1.67 0.35
C THR C 197 -4.88 -1.97 -0.07
N PHE C 198 -5.75 -2.05 0.93
CA PHE C 198 -7.17 -2.26 0.70
C PHE C 198 -7.78 -0.97 0.19
N ARG C 199 -8.56 -1.09 -0.87
CA ARG C 199 -9.12 0.08 -1.54
C ARG C 199 -10.61 -0.10 -1.83
N LYS C 200 -11.26 1.02 -2.18
CA LYS C 200 -12.65 1.01 -2.62
C LYS C 200 -12.72 1.48 -4.08
N ILE C 201 -12.87 0.51 -4.99
CA ILE C 201 -12.87 0.76 -6.44
C ILE C 201 -14.29 0.81 -7.03
N LEU C 202 -14.47 1.58 -8.11
CA LEU C 202 -15.75 1.63 -8.82
C LEU C 202 -15.63 1.73 -10.35
N LEU C 203 -16.48 0.99 -11.05
CA LEU C 203 -16.77 1.14 -12.50
C LEU C 203 -17.68 0.00 -12.94
#